data_7FI2
#
_entry.id   7FI2
#
_cell.length_a   75.564
_cell.length_b   75.564
_cell.length_c   112.360
_cell.angle_alpha   90.000
_cell.angle_beta   90.000
_cell.angle_gamma   120.000
#
_symmetry.space_group_name_H-M   'P 31 2 1'
#
loop_
_entity.id
_entity.type
_entity.pdbx_description
1 polymer 'Polysaccharide lyase'
2 non-polymer DI(HYDROXYETHYL)ETHER
3 non-polymer 'SULFATE ION'
4 water water
#
_entity_poly.entity_id   1
_entity_poly.type   'polypeptide(L)'
_entity_poly.pdbx_seq_one_letter_code
;ACPAPPPGQPDIRAIGYYTDKAGSVIDPALQQQNKDATAPLDRYAADVARMSDDYLRNGDPAAAQCTLSWLGAWADDGAM
LGQMIRVNNDQSFYMRQWMLDAVAMAYLKVHDQANPQQRARIDPWLQKLARANLAYWDNPKRRRNNAYYWGGLGVLATGL
ATDDDALWQAGHAAFQKGIDDIQDDGSLPLEMARGQRALHYHDYALAPLVMMAELARLRGQDWYASRNHAIDRLARRVIE
GSRDPAWFNQHTGAAQLPLQASGWVEFYRLRSPDGGVFDAAHARGPFHSPRLGGDLTLMATHGIVRTPLRHHHHHH
;
_entity_poly.pdbx_strand_id   A
#
loop_
_chem_comp.id
_chem_comp.type
_chem_comp.name
_chem_comp.formula
PEG non-polymer DI(HYDROXYETHYL)ETHER 'C4 H10 O3'
SO4 non-polymer 'SULFATE ION' 'O4 S -2'
#
# COMPACT_ATOMS: atom_id res chain seq x y z
N ALA A 1 3.29 -17.87 23.32
CA ALA A 1 3.18 -16.53 22.69
C ALA A 1 3.62 -16.65 21.22
N CYS A 2 4.91 -16.50 20.90
CA CYS A 2 5.36 -16.19 19.52
C CYS A 2 5.67 -17.48 18.73
N PRO A 3 4.88 -17.84 17.70
CA PRO A 3 5.21 -18.98 16.84
C PRO A 3 6.43 -18.78 15.94
N ALA A 4 7.06 -19.87 15.54
CA ALA A 4 8.24 -19.87 14.64
C ALA A 4 7.87 -19.13 13.35
N PRO A 5 8.58 -18.05 12.97
CA PRO A 5 8.29 -17.42 11.68
C PRO A 5 8.43 -18.39 10.51
N PRO A 6 7.70 -18.15 9.41
CA PRO A 6 7.88 -18.96 8.22
C PRO A 6 9.24 -18.62 7.61
N PRO A 7 9.79 -19.50 6.76
CA PRO A 7 11.02 -19.18 6.06
C PRO A 7 10.83 -17.93 5.18
N GLY A 8 11.93 -17.22 4.96
CA GLY A 8 11.99 -15.99 4.12
C GLY A 8 12.72 -16.26 2.84
N GLN A 9 11.99 -16.65 1.79
CA GLN A 9 12.60 -17.03 0.49
C GLN A 9 13.22 -15.76 -0.10
N PRO A 10 14.42 -15.83 -0.70
CA PRO A 10 15.01 -14.66 -1.37
C PRO A 10 14.38 -14.27 -2.75
N ASP A 11 13.86 -15.25 -3.50
CA ASP A 11 13.23 -14.98 -4.81
C ASP A 11 11.72 -14.82 -4.65
N ILE A 12 11.12 -14.11 -5.60
CA ILE A 12 9.65 -14.06 -5.86
C ILE A 12 9.47 -14.47 -7.31
N ARG A 13 8.57 -15.42 -7.56
CA ARG A 13 8.13 -15.82 -8.92
C ARG A 13 6.61 -15.66 -8.98
N ALA A 14 6.12 -14.44 -9.12
CA ALA A 14 4.68 -14.10 -9.25
C ALA A 14 4.30 -14.08 -10.73
N ILE A 15 3.02 -14.26 -11.02
CA ILE A 15 2.47 -14.36 -12.40
C ILE A 15 1.36 -13.31 -12.63
N GLY A 16 1.47 -12.55 -13.73
CA GLY A 16 0.41 -11.64 -14.20
C GLY A 16 -0.73 -12.42 -14.82
N TYR A 17 -1.98 -12.01 -14.61
CA TYR A 17 -3.18 -12.80 -14.94
C TYR A 17 -4.20 -12.00 -15.78
N TYR A 18 -3.79 -10.88 -16.37
CA TYR A 18 -4.64 -10.07 -17.28
C TYR A 18 -4.26 -10.45 -18.72
N THR A 19 -5.29 -10.70 -19.55
CA THR A 19 -5.16 -11.22 -20.94
C THR A 19 -5.05 -10.06 -21.92
N ASP A 20 -5.55 -8.88 -21.56
CA ASP A 20 -5.92 -7.84 -22.56
C ASP A 20 -4.95 -6.67 -22.39
N LYS A 21 -4.80 -5.84 -23.43
CA LYS A 21 -3.89 -4.66 -23.47
C LYS A 21 -4.20 -3.74 -22.27
N ALA A 22 -5.50 -3.55 -21.95
CA ALA A 22 -6.06 -2.69 -20.86
C ALA A 22 -5.92 -3.32 -19.46
N GLY A 23 -5.47 -4.58 -19.33
CA GLY A 23 -5.35 -5.26 -18.03
C GLY A 23 -6.62 -5.15 -17.21
N SER A 24 -7.74 -5.65 -17.75
CA SER A 24 -9.10 -5.60 -17.14
C SER A 24 -9.71 -7.01 -17.14
N VAL A 25 -9.17 -7.94 -17.92
CA VAL A 25 -9.75 -9.30 -18.13
C VAL A 25 -8.80 -10.34 -17.54
N ILE A 26 -9.27 -11.00 -16.48
CA ILE A 26 -8.54 -11.99 -15.65
C ILE A 26 -8.61 -13.36 -16.35
N ASP A 27 -7.46 -13.96 -16.65
CA ASP A 27 -7.35 -15.41 -16.98
C ASP A 27 -7.36 -16.21 -15.68
N PRO A 28 -8.42 -16.99 -15.37
CA PRO A 28 -8.55 -17.66 -14.07
C PRO A 28 -7.40 -18.62 -13.76
N ALA A 29 -6.85 -19.26 -14.80
CA ALA A 29 -5.75 -20.25 -14.64
C ALA A 29 -4.50 -19.53 -14.14
N LEU A 30 -4.10 -18.44 -14.79
CA LEU A 30 -2.93 -17.63 -14.38
C LEU A 30 -3.20 -17.03 -12.99
N GLN A 31 -4.42 -16.54 -12.71
CA GLN A 31 -4.77 -15.90 -11.41
C GLN A 31 -4.53 -16.90 -10.28
N GLN A 32 -4.96 -18.15 -10.48
CA GLN A 32 -4.74 -19.27 -9.53
C GLN A 32 -3.23 -19.55 -9.40
N GLN A 33 -2.50 -19.60 -10.51
CA GLN A 33 -1.03 -19.81 -10.42
C GLN A 33 -0.41 -18.70 -9.54
N ASN A 34 -0.76 -17.45 -9.74
CA ASN A 34 -0.17 -16.31 -9.01
C ASN A 34 -0.58 -16.36 -7.53
N LYS A 35 -1.81 -16.76 -7.28
CA LYS A 35 -2.31 -16.93 -5.89
C LYS A 35 -1.44 -17.97 -5.19
N ASP A 36 -1.17 -19.11 -5.83
CA ASP A 36 -0.48 -20.26 -5.19
C ASP A 36 1.00 -19.88 -4.97
N ALA A 37 1.60 -19.20 -5.92
CA ALA A 37 3.03 -18.82 -5.88
C ALA A 37 3.29 -17.73 -4.82
N THR A 38 2.27 -16.92 -4.50
CA THR A 38 2.39 -15.75 -3.60
C THR A 38 1.73 -16.01 -2.25
N ALA A 39 1.18 -17.20 -2.01
CA ALA A 39 0.40 -17.50 -0.80
C ALA A 39 1.28 -17.29 0.42
N PRO A 40 2.48 -17.91 0.49
CA PRO A 40 3.35 -17.80 1.68
C PRO A 40 3.70 -16.34 2.03
N LEU A 41 4.00 -15.54 1.00
CA LEU A 41 4.30 -14.10 1.09
C LEU A 41 3.08 -13.34 1.59
N ASP A 42 1.86 -13.71 1.14
CA ASP A 42 0.61 -13.03 1.60
C ASP A 42 0.32 -13.38 3.04
N ARG A 43 0.61 -14.61 3.43
CA ARG A 43 0.38 -15.12 4.81
C ARG A 43 1.34 -14.36 5.77
N TYR A 44 2.56 -14.10 5.30
CA TYR A 44 3.58 -13.42 6.14
C TYR A 44 3.09 -11.99 6.42
N ALA A 45 2.66 -11.29 5.37
CA ALA A 45 2.12 -9.92 5.44
C ALA A 45 0.86 -9.88 6.32
N ALA A 46 -0.05 -10.83 6.18
CA ALA A 46 -1.33 -10.82 6.93
C ALA A 46 -1.01 -10.92 8.42
N ASP A 47 -0.02 -11.77 8.74
CA ASP A 47 0.39 -12.15 10.11
C ASP A 47 1.07 -10.95 10.77
N VAL A 48 1.96 -10.31 10.04
CA VAL A 48 2.80 -9.20 10.54
C VAL A 48 1.93 -7.94 10.67
N ALA A 49 0.98 -7.75 9.76
CA ALA A 49 -0.09 -6.73 9.89
C ALA A 49 -0.89 -6.96 11.17
N ARG A 50 -1.32 -8.20 11.42
CA ARG A 50 -2.24 -8.54 12.55
C ARG A 50 -1.50 -8.42 13.88
N MET A 51 -0.29 -8.98 13.98
CA MET A 51 0.44 -8.93 15.25
C MET A 51 0.78 -7.46 15.59
N SER A 52 1.06 -6.62 14.58
CA SER A 52 1.26 -5.17 14.80
C SER A 52 -0.09 -4.52 15.10
N ASP A 53 -1.19 -5.00 14.50
CA ASP A 53 -2.57 -4.55 14.88
C ASP A 53 -2.73 -4.77 16.40
N ASP A 54 -2.44 -5.98 16.90
CA ASP A 54 -2.68 -6.35 18.32
C ASP A 54 -1.93 -5.35 19.21
N TYR A 55 -0.66 -5.09 18.91
CA TYR A 55 0.16 -4.16 19.71
C TYR A 55 -0.49 -2.77 19.70
N LEU A 56 -1.03 -2.30 18.56
CA LEU A 56 -1.73 -0.98 18.53
C LEU A 56 -2.99 -1.03 19.38
N ARG A 57 -3.62 -2.20 19.54
CA ARG A 57 -4.95 -2.31 20.19
C ARG A 57 -4.77 -2.14 21.70
N ASN A 58 -3.90 -2.92 22.34
CA ASN A 58 -3.79 -2.87 23.83
C ASN A 58 -2.33 -2.76 24.28
N GLY A 59 -1.41 -2.26 23.45
CA GLY A 59 -0.05 -1.88 23.87
C GLY A 59 0.67 -3.03 24.57
N ASP A 60 0.35 -4.25 24.17
CA ASP A 60 0.90 -5.49 24.75
C ASP A 60 2.27 -5.71 24.14
N PRO A 61 3.39 -5.53 24.89
CA PRO A 61 4.73 -5.69 24.32
C PRO A 61 5.03 -7.07 23.69
N ALA A 62 4.33 -8.12 24.12
CA ALA A 62 4.44 -9.47 23.50
C ALA A 62 4.08 -9.39 22.00
N ALA A 63 3.07 -8.60 21.66
CA ALA A 63 2.57 -8.47 20.28
C ALA A 63 3.67 -7.85 19.42
N ALA A 64 4.20 -6.69 19.84
CA ALA A 64 5.29 -5.95 19.18
C ALA A 64 6.50 -6.87 19.04
N GLN A 65 6.88 -7.57 20.10
CA GLN A 65 8.16 -8.31 20.17
C GLN A 65 8.05 -9.49 19.21
N CYS A 66 6.84 -10.04 19.01
CA CYS A 66 6.64 -11.17 18.08
C CYS A 66 6.75 -10.64 16.64
N THR A 67 6.03 -9.56 16.35
CA THR A 67 6.18 -8.76 15.11
C THR A 67 7.69 -8.56 14.83
N LEU A 68 8.44 -8.03 15.79
CA LEU A 68 9.86 -7.65 15.60
C LEU A 68 10.70 -8.89 15.34
N SER A 69 10.37 -9.98 16.02
CA SER A 69 11.02 -11.30 15.84
C SER A 69 10.80 -11.81 14.40
N TRP A 70 9.58 -11.70 13.88
CA TRP A 70 9.21 -12.12 12.51
C TRP A 70 9.94 -11.27 11.47
N LEU A 71 9.99 -9.96 11.65
CA LEU A 71 10.70 -9.05 10.72
C LEU A 71 12.19 -9.36 10.77
N GLY A 72 12.75 -9.50 11.96
CA GLY A 72 14.18 -9.75 12.18
C GLY A 72 14.68 -11.03 11.51
N ALA A 73 13.81 -12.03 11.38
CA ALA A 73 14.12 -13.31 10.74
C ALA A 73 14.24 -13.08 9.21
N TRP A 74 13.29 -12.38 8.63
CA TRP A 74 13.30 -12.13 7.16
C TRP A 74 14.47 -11.19 6.82
N ALA A 75 14.78 -10.22 7.69
CA ALA A 75 15.99 -9.36 7.63
C ALA A 75 17.26 -10.24 7.60
N ASP A 76 17.43 -11.08 8.60
CA ASP A 76 18.55 -12.06 8.73
C ASP A 76 18.57 -12.96 7.50
N ASP A 77 17.40 -13.35 6.97
CA ASP A 77 17.30 -14.29 5.81
C ASP A 77 17.69 -13.55 4.53
N GLY A 78 17.58 -12.22 4.50
CA GLY A 78 17.62 -11.41 3.27
C GLY A 78 16.48 -11.78 2.34
N ALA A 79 15.30 -11.98 2.92
CA ALA A 79 14.02 -12.27 2.24
C ALA A 79 13.76 -11.21 1.18
N MET A 80 13.42 -11.64 -0.05
CA MET A 80 12.93 -10.80 -1.17
C MET A 80 14.05 -9.88 -1.69
N LEU A 81 15.30 -10.13 -1.27
CA LEU A 81 16.51 -9.45 -1.84
C LEU A 81 17.18 -10.31 -2.91
N GLY A 82 16.55 -11.38 -3.36
CA GLY A 82 17.05 -12.20 -4.47
C GLY A 82 16.52 -11.72 -5.80
N GLN A 83 16.22 -12.67 -6.70
CA GLN A 83 15.77 -12.37 -8.06
C GLN A 83 14.25 -12.21 -8.07
N MET A 84 13.78 -11.10 -8.64
CA MET A 84 12.35 -10.90 -9.00
C MET A 84 12.13 -11.51 -10.39
N ILE A 85 11.57 -12.70 -10.42
CA ILE A 85 11.52 -13.52 -11.66
C ILE A 85 10.31 -13.06 -12.48
N ARG A 86 10.56 -12.67 -13.74
CA ARG A 86 9.55 -12.31 -14.75
C ARG A 86 9.01 -13.56 -15.45
N VAL A 87 7.74 -13.89 -15.28
CA VAL A 87 7.13 -15.06 -15.99
C VAL A 87 6.50 -14.54 -17.29
N ASN A 88 5.58 -13.59 -17.19
CA ASN A 88 4.90 -12.98 -18.37
C ASN A 88 4.73 -11.47 -18.15
N ASN A 89 5.23 -10.92 -17.04
CA ASN A 89 5.20 -9.47 -16.76
C ASN A 89 6.03 -9.18 -15.50
N ASP A 90 5.85 -7.98 -14.93
CA ASP A 90 6.61 -7.50 -13.75
C ASP A 90 5.88 -7.83 -12.43
N GLN A 91 5.06 -8.88 -12.36
CA GLN A 91 4.20 -9.16 -11.18
C GLN A 91 5.08 -9.35 -9.95
N SER A 92 6.27 -9.92 -10.11
CA SER A 92 7.18 -10.18 -8.98
C SER A 92 7.62 -8.84 -8.36
N PHE A 93 7.84 -7.82 -9.20
CA PHE A 93 8.25 -6.45 -8.77
C PHE A 93 7.12 -5.81 -7.97
N TYR A 94 5.89 -5.93 -8.43
CA TYR A 94 4.72 -5.30 -7.79
C TYR A 94 4.57 -5.89 -6.38
N MET A 95 4.76 -7.20 -6.34
CA MET A 95 4.58 -8.07 -5.15
C MET A 95 5.59 -7.66 -4.06
N ARG A 96 6.80 -7.30 -4.47
CA ARG A 96 7.85 -6.86 -3.53
C ARG A 96 7.46 -5.49 -2.97
N GLN A 97 6.84 -4.63 -3.79
CA GLN A 97 6.39 -3.29 -3.33
C GLN A 97 5.27 -3.47 -2.31
N TRP A 98 4.33 -4.39 -2.58
CA TRP A 98 3.19 -4.69 -1.69
C TRP A 98 3.77 -5.30 -0.40
N MET A 99 4.73 -6.19 -0.55
CA MET A 99 5.37 -6.81 0.61
C MET A 99 6.08 -5.72 1.45
N LEU A 100 6.88 -4.84 0.85
CA LEU A 100 7.60 -3.78 1.60
C LEU A 100 6.58 -2.88 2.30
N ASP A 101 5.52 -2.52 1.59
CA ASP A 101 4.39 -1.75 2.16
C ASP A 101 3.92 -2.45 3.45
N ALA A 102 3.64 -3.75 3.41
CA ALA A 102 3.12 -4.53 4.56
C ALA A 102 4.16 -4.58 5.68
N VAL A 103 5.41 -4.94 5.38
CA VAL A 103 6.45 -5.17 6.43
C VAL A 103 6.89 -3.82 7.04
N ALA A 104 7.09 -2.78 6.21
CA ALA A 104 7.55 -1.43 6.64
C ALA A 104 6.53 -0.79 7.59
N MET A 105 5.24 -0.81 7.24
CA MET A 105 4.13 -0.31 8.08
C MET A 105 4.13 -1.10 9.40
N ALA A 106 4.05 -2.43 9.35
CA ALA A 106 4.06 -3.25 10.58
C ALA A 106 5.21 -2.80 11.48
N TYR A 107 6.41 -2.66 10.92
CA TYR A 107 7.60 -2.21 11.67
C TYR A 107 7.34 -0.84 12.31
N LEU A 108 6.90 0.14 11.52
CA LEU A 108 6.58 1.51 12.00
C LEU A 108 5.68 1.39 13.23
N LYS A 109 4.67 0.53 13.15
CA LYS A 109 3.60 0.40 14.16
C LYS A 109 4.20 -0.08 15.49
N VAL A 110 5.26 -0.88 15.43
CA VAL A 110 5.90 -1.54 16.61
C VAL A 110 7.31 -0.97 16.84
N HIS A 111 7.69 0.09 16.11
CA HIS A 111 9.07 0.66 16.15
C HIS A 111 9.44 1.10 17.57
N ASP A 112 8.50 1.63 18.36
CA ASP A 112 8.82 2.22 19.69
C ASP A 112 9.28 1.13 20.66
N GLN A 113 9.01 -0.15 20.36
CA GLN A 113 9.43 -1.31 21.19
C GLN A 113 10.74 -1.95 20.66
N ALA A 114 11.25 -1.49 19.52
CA ALA A 114 12.44 -2.08 18.86
C ALA A 114 13.71 -1.67 19.63
N ASN A 115 14.52 -2.64 20.05
CA ASN A 115 15.78 -2.36 20.78
C ASN A 115 16.86 -2.07 19.73
N PRO A 116 18.06 -1.58 20.13
CA PRO A 116 19.09 -1.24 19.15
C PRO A 116 19.53 -2.40 18.23
N GLN A 117 19.53 -3.63 18.72
CA GLN A 117 19.95 -4.79 17.89
C GLN A 117 18.87 -5.06 16.83
N GLN A 118 17.61 -4.79 17.17
CA GLN A 118 16.43 -5.08 16.30
C GLN A 118 16.41 -4.06 15.16
N ARG A 119 16.44 -2.77 15.52
CA ARG A 119 16.66 -1.62 14.60
C ARG A 119 17.81 -1.93 13.63
N ALA A 120 18.97 -2.31 14.15
CA ALA A 120 20.25 -2.52 13.41
C ALA A 120 20.10 -3.68 12.40
N ARG A 121 19.28 -4.67 12.74
CA ARG A 121 18.96 -5.89 11.94
C ARG A 121 17.88 -5.55 10.91
N ILE A 122 16.81 -4.86 11.29
CA ILE A 122 15.64 -4.64 10.39
C ILE A 122 15.91 -3.48 9.42
N ASP A 123 16.46 -2.37 9.90
CA ASP A 123 16.57 -1.12 9.10
C ASP A 123 17.32 -1.44 7.81
N PRO A 124 18.57 -1.98 7.84
CA PRO A 124 19.33 -2.20 6.60
C PRO A 124 18.47 -2.94 5.57
N TRP A 125 17.84 -4.03 5.98
CA TRP A 125 16.94 -4.88 5.15
C TRP A 125 15.81 -4.04 4.50
N LEU A 126 15.05 -3.28 5.28
CA LEU A 126 13.99 -2.43 4.71
C LEU A 126 14.63 -1.44 3.73
N GLN A 127 15.77 -0.86 4.09
CA GLN A 127 16.45 0.16 3.22
C GLN A 127 16.91 -0.48 1.91
N LYS A 128 17.45 -1.69 1.96
CA LYS A 128 17.81 -2.41 0.72
C LYS A 128 16.55 -2.66 -0.13
N LEU A 129 15.46 -3.15 0.47
CA LEU A 129 14.20 -3.42 -0.28
C LEU A 129 13.71 -2.13 -0.96
N ALA A 130 13.72 -1.00 -0.24
CA ALA A 130 13.25 0.32 -0.71
C ALA A 130 14.11 0.78 -1.88
N ARG A 131 15.44 0.71 -1.72
CA ARG A 131 16.43 1.14 -2.75
C ARG A 131 16.26 0.29 -4.02
N ALA A 132 15.96 -1.01 -3.91
CA ALA A 132 15.76 -1.94 -5.05
C ALA A 132 14.46 -1.63 -5.81
N ASN A 133 13.37 -1.35 -5.07
CA ASN A 133 12.09 -0.88 -5.67
C ASN A 133 12.26 0.47 -6.35
N LEU A 134 13.12 1.34 -5.82
CA LEU A 134 13.43 2.64 -6.46
C LEU A 134 14.21 2.39 -7.76
N ALA A 135 15.15 1.45 -7.74
CA ALA A 135 15.95 1.10 -8.94
C ALA A 135 14.99 0.76 -10.10
N TYR A 136 13.92 0.03 -9.77
CA TYR A 136 12.94 -0.43 -10.76
C TYR A 136 12.37 0.80 -11.52
N TRP A 137 12.22 1.99 -10.91
CA TRP A 137 11.61 3.18 -11.58
C TRP A 137 12.66 4.16 -12.12
N ASP A 138 13.96 3.90 -11.93
CA ASP A 138 15.04 4.69 -12.59
C ASP A 138 14.87 4.56 -14.10
N ASN A 139 14.15 3.54 -14.58
CA ASN A 139 13.88 3.31 -16.01
C ASN A 139 12.68 4.14 -16.46
N PRO A 140 12.86 5.09 -17.40
CA PRO A 140 11.78 5.99 -17.81
C PRO A 140 10.75 5.35 -18.74
N LYS A 141 10.99 4.13 -19.23
CA LYS A 141 10.04 3.38 -20.12
C LYS A 141 8.94 2.72 -19.28
N ARG A 142 9.12 2.64 -17.95
CA ARG A 142 8.09 2.09 -17.02
C ARG A 142 7.13 3.21 -16.64
N ARG A 143 5.86 3.08 -17.08
CA ARG A 143 4.83 4.13 -16.90
C ARG A 143 4.43 4.16 -15.42
N ARG A 144 4.47 5.37 -14.87
CA ARG A 144 4.25 5.64 -13.44
C ARG A 144 2.76 5.72 -13.15
N ASN A 145 2.15 4.56 -13.01
CA ASN A 145 0.70 4.46 -12.70
C ASN A 145 0.58 4.13 -11.19
N ASN A 146 -0.53 3.58 -10.75
CA ASN A 146 -0.78 3.29 -9.32
C ASN A 146 0.37 2.44 -8.74
N ALA A 147 1.05 1.62 -9.55
CA ALA A 147 2.19 0.79 -9.06
C ALA A 147 3.24 1.70 -8.41
N TYR A 148 3.47 2.88 -8.97
CA TYR A 148 4.48 3.82 -8.44
C TYR A 148 4.03 4.34 -7.07
N TYR A 149 2.72 4.53 -6.88
CA TYR A 149 2.11 5.02 -5.62
C TYR A 149 2.26 3.93 -4.54
N TRP A 150 2.06 2.67 -4.91
CA TRP A 150 2.31 1.49 -4.02
C TRP A 150 3.81 1.41 -3.71
N GLY A 151 4.67 1.73 -4.68
CA GLY A 151 6.12 1.73 -4.44
C GLY A 151 6.48 2.78 -3.42
N GLY A 152 5.99 4.00 -3.66
CA GLY A 152 6.19 5.16 -2.78
C GLY A 152 5.83 4.85 -1.34
N LEU A 153 4.74 4.12 -1.12
CA LEU A 153 4.23 3.97 0.27
C LEU A 153 5.25 3.21 1.10
N GLY A 154 5.78 2.11 0.55
CA GLY A 154 6.79 1.29 1.25
C GLY A 154 8.09 2.03 1.39
N VAL A 155 8.47 2.77 0.34
CA VAL A 155 9.75 3.55 0.37
C VAL A 155 9.64 4.54 1.55
N LEU A 156 8.49 5.23 1.64
CA LEU A 156 8.20 6.31 2.62
C LEU A 156 8.13 5.73 4.03
N ALA A 157 7.39 4.65 4.23
CA ALA A 157 7.24 4.02 5.55
C ALA A 157 8.63 3.61 6.04
N THR A 158 9.44 3.06 5.12
CA THR A 158 10.87 2.72 5.37
C THR A 158 11.63 3.98 5.79
N GLY A 159 11.53 5.07 5.02
CA GLY A 159 12.18 6.35 5.33
C GLY A 159 11.84 6.88 6.72
N LEU A 160 10.55 6.85 7.07
CA LEU A 160 10.08 7.25 8.42
C LEU A 160 10.58 6.32 9.51
N ALA A 161 10.33 5.01 9.41
CA ALA A 161 10.63 4.05 10.50
C ALA A 161 12.14 3.95 10.78
N THR A 162 12.99 3.93 9.73
CA THR A 162 14.47 3.82 9.85
C THR A 162 15.17 5.19 9.79
N ASP A 163 14.42 6.29 9.71
CA ASP A 163 14.95 7.68 9.80
C ASP A 163 16.01 7.89 8.72
N ASP A 164 15.69 7.58 7.46
CA ASP A 164 16.58 7.78 6.29
C ASP A 164 15.96 8.91 5.45
N ASP A 165 16.51 10.12 5.53
CA ASP A 165 15.86 11.30 4.89
C ASP A 165 15.79 11.07 3.36
N ALA A 166 16.73 10.38 2.72
CA ALA A 166 16.75 10.26 1.23
C ALA A 166 15.55 9.41 0.77
N LEU A 167 15.31 8.27 1.42
CA LEU A 167 14.15 7.40 1.12
C LEU A 167 12.86 8.16 1.44
N TRP A 168 12.81 8.94 2.52
CA TRP A 168 11.60 9.74 2.83
C TRP A 168 11.25 10.64 1.63
N GLN A 169 12.23 11.36 1.08
CA GLN A 169 12.05 12.31 -0.03
C GLN A 169 11.67 11.58 -1.33
N ALA A 170 12.25 10.43 -1.61
CA ALA A 170 11.88 9.60 -2.78
C ALA A 170 10.41 9.19 -2.63
N GLY A 171 9.99 8.82 -1.42
CA GLY A 171 8.60 8.49 -1.11
C GLY A 171 7.69 9.65 -1.44
N HIS A 172 8.02 10.83 -0.89
CA HIS A 172 7.28 12.08 -1.18
C HIS A 172 7.14 12.27 -2.69
N ALA A 173 8.21 12.13 -3.46
CA ALA A 173 8.17 12.33 -4.93
C ALA A 173 7.11 11.41 -5.56
N ALA A 174 7.06 10.15 -5.14
CA ALA A 174 6.07 9.19 -5.66
C ALA A 174 4.66 9.78 -5.40
N PHE A 175 4.37 10.14 -4.16
CA PHE A 175 3.11 10.83 -3.76
C PHE A 175 2.82 12.00 -4.72
N GLN A 176 3.83 12.88 -4.91
CA GLN A 176 3.68 14.12 -5.71
C GLN A 176 3.35 13.78 -7.17
N LYS A 177 3.94 12.74 -7.75
CA LYS A 177 3.61 12.30 -9.13
C LYS A 177 2.12 11.96 -9.24
N GLY A 178 1.57 11.19 -8.29
CA GLY A 178 0.14 10.87 -8.21
C GLY A 178 -0.76 12.11 -8.16
N ILE A 179 -0.51 13.04 -7.24
CA ILE A 179 -1.29 14.29 -7.07
C ILE A 179 -1.20 15.09 -8.37
N ASP A 180 0.00 15.19 -8.95
CA ASP A 180 0.24 15.95 -10.19
C ASP A 180 -0.65 15.39 -11.33
N ASP A 181 -0.84 14.07 -11.38
CA ASP A 181 -1.56 13.39 -12.50
C ASP A 181 -3.08 13.57 -12.34
N ILE A 182 -3.56 13.99 -11.15
CA ILE A 182 -5.02 14.15 -10.91
C ILE A 182 -5.56 15.29 -11.78
N GLN A 183 -6.46 14.96 -12.71
CA GLN A 183 -7.13 15.91 -13.63
C GLN A 183 -8.17 16.73 -12.84
N ASP A 184 -8.79 17.75 -13.45
CA ASP A 184 -9.82 18.61 -12.79
C ASP A 184 -11.09 17.78 -12.57
N ASP A 185 -11.38 16.85 -13.49
CA ASP A 185 -12.18 15.60 -13.38
C ASP A 185 -12.13 14.92 -12.01
N GLY A 186 -10.94 14.80 -11.41
CA GLY A 186 -10.66 13.83 -10.32
C GLY A 186 -10.17 12.48 -10.83
N SER A 187 -9.91 12.34 -12.13
CA SER A 187 -9.52 11.07 -12.79
C SER A 187 -8.00 11.05 -12.98
N LEU A 188 -7.47 9.86 -13.23
CA LEU A 188 -6.04 9.62 -13.47
C LEU A 188 -5.94 8.93 -14.83
N PRO A 189 -5.36 9.60 -15.85
CA PRO A 189 -5.37 9.08 -17.22
C PRO A 189 -4.96 7.59 -17.33
N LEU A 190 -3.90 7.19 -16.62
CA LEU A 190 -3.35 5.81 -16.75
C LEU A 190 -4.33 4.82 -16.12
N GLU A 191 -5.14 5.27 -15.17
CA GLU A 191 -6.18 4.43 -14.51
C GLU A 191 -7.46 4.42 -15.35
N MET A 192 -7.72 5.46 -16.14
CA MET A 192 -8.90 5.51 -17.04
C MET A 192 -8.72 4.52 -18.23
N ALA A 193 -7.48 4.07 -18.48
CA ALA A 193 -7.10 3.13 -19.56
C ALA A 193 -7.35 1.66 -19.17
N ARG A 194 -7.87 1.37 -17.97
CA ARG A 194 -7.99 -0.02 -17.42
C ARG A 194 -9.44 -0.52 -17.56
N GLY A 195 -10.13 -0.16 -18.66
CA GLY A 195 -11.45 -0.69 -19.08
C GLY A 195 -12.47 -0.78 -17.95
N GLN A 196 -13.00 -1.99 -17.69
CA GLN A 196 -14.07 -2.27 -16.66
C GLN A 196 -13.49 -2.18 -15.23
N ARG A 197 -12.16 -2.10 -15.09
CA ARG A 197 -11.47 -1.96 -13.78
C ARG A 197 -10.90 -0.53 -13.62
N ALA A 198 -11.40 0.46 -14.35
CA ALA A 198 -10.99 1.88 -14.19
C ALA A 198 -11.36 2.37 -12.78
N LEU A 199 -12.64 2.26 -12.42
CA LEU A 199 -13.09 2.63 -11.07
C LEU A 199 -12.25 1.85 -10.05
N HIS A 200 -12.18 0.50 -10.09
CA HIS A 200 -11.27 -0.29 -9.19
C HIS A 200 -9.91 0.42 -9.13
N TYR A 201 -9.29 0.73 -10.27
CA TYR A 201 -7.92 1.27 -10.27
C TYR A 201 -7.88 2.71 -9.78
N HIS A 202 -8.99 3.45 -9.76
CA HIS A 202 -9.01 4.81 -9.16
C HIS A 202 -8.96 4.65 -7.64
N ASP A 203 -9.80 3.77 -7.10
CA ASP A 203 -9.78 3.38 -5.67
C ASP A 203 -8.36 2.90 -5.29
N TYR A 204 -7.78 2.03 -6.10
CA TYR A 204 -6.55 1.26 -5.79
C TYR A 204 -5.34 2.22 -5.85
N ALA A 205 -5.41 3.27 -6.67
CA ALA A 205 -4.44 4.38 -6.76
C ALA A 205 -4.56 5.33 -5.57
N LEU A 206 -5.78 5.79 -5.30
CA LEU A 206 -6.09 6.75 -4.20
C LEU A 206 -5.60 6.22 -2.83
N ALA A 207 -5.69 4.90 -2.59
CA ALA A 207 -5.45 4.27 -1.27
C ALA A 207 -4.00 4.49 -0.79
N PRO A 208 -2.95 4.15 -1.57
CA PRO A 208 -1.58 4.43 -1.14
C PRO A 208 -1.29 5.95 -1.06
N LEU A 209 -2.02 6.78 -1.83
CA LEU A 209 -1.81 8.26 -1.77
C LEU A 209 -2.29 8.74 -0.40
N VAL A 210 -3.44 8.23 0.04
CA VAL A 210 -4.01 8.55 1.39
C VAL A 210 -3.06 8.03 2.47
N MET A 211 -2.54 6.82 2.37
CA MET A 211 -1.70 6.26 3.46
C MET A 211 -0.37 7.03 3.51
N MET A 212 0.20 7.38 2.35
CA MET A 212 1.40 8.25 2.27
C MET A 212 1.09 9.61 2.91
N ALA A 213 -0.11 10.17 2.72
CA ALA A 213 -0.47 11.48 3.30
C ALA A 213 -0.60 11.33 4.82
N GLU A 214 -0.98 10.15 5.30
CA GLU A 214 -1.10 9.86 6.75
C GLU A 214 0.29 9.73 7.37
N LEU A 215 1.31 9.30 6.61
CA LEU A 215 2.70 9.16 7.12
C LEU A 215 3.32 10.57 7.25
N ALA A 216 3.09 11.44 6.26
CA ALA A 216 3.52 12.86 6.29
C ALA A 216 2.95 13.52 7.55
N ARG A 217 1.70 13.20 7.85
CA ARG A 217 0.91 13.75 8.99
C ARG A 217 1.56 13.34 10.30
N LEU A 218 2.17 12.15 10.37
CA LEU A 218 2.93 11.75 11.59
C LEU A 218 4.16 12.66 11.78
N ARG A 219 4.59 13.41 10.76
CA ARG A 219 5.75 14.32 10.87
C ARG A 219 5.26 15.77 10.86
N GLY A 220 3.95 15.97 11.03
CA GLY A 220 3.33 17.31 11.10
C GLY A 220 3.29 18.01 9.74
N GLN A 221 3.52 17.27 8.64
CA GLN A 221 3.41 17.79 7.25
C GLN A 221 2.00 17.49 6.73
N ASP A 222 1.40 18.46 6.03
CA ASP A 222 0.07 18.35 5.37
C ASP A 222 0.24 18.24 3.85
N TRP A 223 0.35 17.02 3.32
CA TRP A 223 0.47 16.76 1.87
C TRP A 223 -0.90 16.74 1.19
N TYR A 224 -1.97 16.51 1.94
CA TYR A 224 -3.37 16.57 1.44
C TYR A 224 -3.65 17.93 0.78
N ALA A 225 -3.06 19.02 1.29
CA ALA A 225 -3.24 20.41 0.79
C ALA A 225 -2.76 20.54 -0.66
N SER A 226 -1.78 19.74 -1.09
CA SER A 226 -1.05 19.85 -2.38
C SER A 226 -1.99 20.11 -3.55
N ARG A 227 -1.62 21.05 -4.42
CA ARG A 227 -2.41 21.48 -5.60
C ARG A 227 -3.86 21.67 -5.17
N ASN A 228 -4.08 22.46 -4.11
CA ASN A 228 -5.43 22.85 -3.65
C ASN A 228 -6.23 21.59 -3.35
N HIS A 229 -5.70 20.71 -2.51
CA HIS A 229 -6.39 19.45 -2.10
C HIS A 229 -6.89 18.75 -3.36
N ALA A 230 -6.03 18.59 -4.37
CA ALA A 230 -6.32 17.87 -5.63
C ALA A 230 -6.83 16.48 -5.29
N ILE A 231 -6.26 15.86 -4.24
CA ILE A 231 -6.63 14.49 -3.81
C ILE A 231 -8.14 14.44 -3.51
N ASP A 232 -8.74 15.57 -3.10
CA ASP A 232 -10.17 15.61 -2.73
C ASP A 232 -11.02 15.30 -3.96
N ARG A 233 -10.64 15.82 -5.12
CA ARG A 233 -11.35 15.57 -6.42
C ARG A 233 -11.35 14.08 -6.71
N LEU A 234 -10.22 13.40 -6.50
CA LEU A 234 -10.08 11.93 -6.72
C LEU A 234 -10.92 11.18 -5.68
N ALA A 235 -10.85 11.58 -4.41
CA ALA A 235 -11.63 10.94 -3.32
C ALA A 235 -13.10 10.99 -3.71
N ARG A 236 -13.52 12.14 -4.25
CA ARG A 236 -14.96 12.44 -4.52
C ARG A 236 -15.38 11.71 -5.81
N ARG A 237 -14.52 11.65 -6.83
CA ARG A 237 -14.72 10.85 -8.05
C ARG A 237 -14.94 9.36 -7.71
N VAL A 238 -14.13 8.81 -6.80
CA VAL A 238 -14.15 7.36 -6.49
C VAL A 238 -15.46 7.04 -5.77
N ILE A 239 -15.74 7.76 -4.69
CA ILE A 239 -16.90 7.48 -3.79
C ILE A 239 -18.21 7.71 -4.55
N GLU A 240 -18.28 8.71 -5.44
CA GLU A 240 -19.44 8.87 -6.35
C GLU A 240 -19.55 7.58 -7.18
N GLY A 241 -18.45 7.15 -7.80
CA GLY A 241 -18.34 5.93 -8.63
C GLY A 241 -18.84 4.68 -7.91
N SER A 242 -18.67 4.59 -6.59
CA SER A 242 -19.14 3.43 -5.80
C SER A 242 -20.67 3.43 -5.68
N ARG A 243 -21.35 4.60 -5.71
CA ARG A 243 -22.84 4.65 -5.62
C ARG A 243 -23.40 4.56 -7.05
N ASP A 244 -22.67 5.08 -8.05
CA ASP A 244 -23.18 5.20 -9.45
C ASP A 244 -22.02 5.30 -10.44
N PRO A 245 -21.79 4.26 -11.27
CA PRO A 245 -20.66 4.27 -12.21
C PRO A 245 -20.91 4.90 -13.59
N ALA A 246 -22.00 5.66 -13.76
CA ALA A 246 -22.34 6.36 -15.04
C ALA A 246 -21.13 7.13 -15.57
N TRP A 247 -20.50 7.94 -14.70
CA TRP A 247 -19.43 8.88 -15.13
C TRP A 247 -18.31 8.07 -15.77
N PHE A 248 -17.78 7.06 -15.05
CA PHE A 248 -16.69 6.13 -15.53
C PHE A 248 -17.18 5.32 -16.75
N ASN A 249 -18.44 4.88 -16.76
CA ASN A 249 -19.08 4.15 -17.90
C ASN A 249 -19.05 5.06 -19.14
N GLN A 250 -19.59 6.28 -19.02
CA GLN A 250 -19.56 7.31 -20.08
C GLN A 250 -18.11 7.59 -20.50
N HIS A 251 -17.17 7.75 -19.56
CA HIS A 251 -15.85 8.41 -19.82
C HIS A 251 -14.79 7.36 -20.15
N THR A 252 -14.98 6.10 -19.77
CA THR A 252 -14.13 4.96 -20.23
C THR A 252 -14.80 4.33 -21.47
N GLY A 253 -16.13 4.44 -21.59
CA GLY A 253 -16.93 3.65 -22.55
C GLY A 253 -16.68 2.17 -22.29
N ALA A 254 -17.11 1.69 -21.11
CA ALA A 254 -16.88 0.33 -20.55
C ALA A 254 -17.64 0.20 -19.24
N ALA A 255 -18.62 -0.71 -19.18
CA ALA A 255 -19.38 -1.04 -17.96
C ALA A 255 -18.38 -1.39 -16.87
N GLN A 256 -18.58 -0.85 -15.68
CA GLN A 256 -17.56 -0.88 -14.59
C GLN A 256 -17.96 -2.01 -13.67
N LEU A 257 -17.05 -2.95 -13.43
CA LEU A 257 -17.24 -3.90 -12.31
C LEU A 257 -17.56 -3.05 -11.08
N PRO A 258 -18.67 -3.29 -10.37
CA PRO A 258 -18.99 -2.49 -9.18
C PRO A 258 -17.80 -2.42 -8.22
N LEU A 259 -17.71 -1.32 -7.46
CA LEU A 259 -16.66 -1.09 -6.46
C LEU A 259 -17.31 -0.79 -5.10
N GLN A 260 -16.79 -1.40 -4.04
CA GLN A 260 -16.91 -0.90 -2.65
C GLN A 260 -15.55 -0.29 -2.30
N ALA A 261 -15.54 1.00 -1.99
CA ALA A 261 -14.34 1.75 -1.57
C ALA A 261 -13.57 0.95 -0.53
N SER A 262 -12.25 1.03 -0.54
CA SER A 262 -11.36 0.32 0.41
C SER A 262 -11.10 1.26 1.59
N GLY A 263 -10.33 0.81 2.58
CA GLY A 263 -10.26 1.45 3.91
C GLY A 263 -9.57 2.82 3.93
N TRP A 264 -9.25 3.42 2.80
CA TRP A 264 -8.74 4.81 2.80
C TRP A 264 -9.83 5.75 3.37
N VAL A 265 -11.10 5.34 3.28
CA VAL A 265 -12.22 6.18 3.79
C VAL A 265 -11.99 6.46 5.28
N GLU A 266 -11.49 5.48 6.03
CA GLU A 266 -11.41 5.57 7.52
C GLU A 266 -10.56 6.76 7.94
N PHE A 267 -9.53 7.10 7.17
CA PHE A 267 -8.64 8.27 7.42
C PHE A 267 -9.26 9.51 6.78
N TYR A 268 -9.67 9.43 5.51
CA TYR A 268 -9.98 10.61 4.68
C TYR A 268 -11.27 11.27 5.18
N ARG A 269 -12.24 10.44 5.60
CA ARG A 269 -13.46 10.80 6.38
C ARG A 269 -13.15 11.89 7.42
N LEU A 270 -12.07 11.72 8.18
CA LEU A 270 -11.69 12.56 9.34
C LEU A 270 -11.02 13.84 8.85
N ARG A 271 -10.41 13.84 7.67
CA ARG A 271 -9.60 14.99 7.19
C ARG A 271 -10.47 15.96 6.37
N SER A 272 -11.36 15.42 5.53
CA SER A 272 -12.27 16.20 4.62
C SER A 272 -13.60 15.46 4.47
N PRO A 273 -14.55 15.67 5.42
CA PRO A 273 -15.73 14.82 5.51
C PRO A 273 -16.69 15.04 4.34
N ASP A 274 -16.53 16.16 3.60
CA ASP A 274 -17.18 16.38 2.28
C ASP A 274 -18.67 16.05 2.33
N GLY A 275 -19.37 16.50 3.36
CA GLY A 275 -20.84 16.38 3.50
C GLY A 275 -21.29 15.03 4.02
N GLY A 276 -20.37 14.19 4.51
CA GLY A 276 -20.69 12.83 4.99
C GLY A 276 -20.67 11.77 3.90
N VAL A 277 -20.29 12.09 2.67
CA VAL A 277 -20.29 11.16 1.48
C VAL A 277 -19.44 9.90 1.74
N PHE A 278 -18.55 9.87 2.73
CA PHE A 278 -17.70 8.67 2.97
C PHE A 278 -18.27 7.77 4.09
N ASP A 279 -19.41 8.12 4.69
CA ASP A 279 -19.93 7.43 5.90
C ASP A 279 -20.59 6.10 5.50
N ALA A 280 -21.19 6.01 4.32
CA ALA A 280 -21.84 4.76 3.83
C ALA A 280 -20.77 3.67 3.74
N ALA A 281 -19.60 3.99 3.18
CA ALA A 281 -18.44 3.08 3.07
C ALA A 281 -17.90 2.77 4.48
N HIS A 282 -17.76 3.79 5.32
CA HIS A 282 -17.33 3.65 6.74
C HIS A 282 -18.20 2.61 7.48
N ALA A 283 -19.52 2.65 7.28
CA ALA A 283 -20.51 1.71 7.88
C ALA A 283 -20.12 0.26 7.62
N ARG A 284 -19.41 -0.05 6.53
CA ARG A 284 -19.17 -1.46 6.12
C ARG A 284 -17.93 -2.02 6.83
N GLY A 285 -17.26 -1.23 7.68
CA GLY A 285 -16.03 -1.63 8.37
C GLY A 285 -16.29 -2.64 9.50
N PRO A 286 -15.23 -3.09 10.19
CA PRO A 286 -13.86 -2.57 10.00
C PRO A 286 -13.12 -3.00 8.72
N PHE A 287 -12.08 -2.26 8.32
CA PHE A 287 -11.28 -2.50 7.09
C PHE A 287 -9.86 -2.94 7.44
N HIS A 288 -9.50 -4.12 6.96
CA HIS A 288 -8.18 -4.80 7.09
C HIS A 288 -7.54 -4.84 5.71
N SER A 289 -6.31 -4.36 5.59
CA SER A 289 -5.52 -4.45 4.34
C SER A 289 -4.03 -4.49 4.71
N PRO A 290 -3.41 -5.68 4.74
CA PRO A 290 -2.01 -5.77 5.19
C PRO A 290 -1.08 -4.83 4.40
N ARG A 291 -1.34 -4.65 3.10
CA ARG A 291 -0.50 -3.83 2.20
C ARG A 291 -0.71 -2.32 2.42
N LEU A 292 -1.74 -1.93 3.19
CA LEU A 292 -1.95 -0.52 3.58
C LEU A 292 -1.50 -0.34 5.04
N GLY A 293 -1.02 -1.41 5.68
CA GLY A 293 -0.55 -1.35 7.08
C GLY A 293 -1.43 -2.12 8.05
N GLY A 294 -2.50 -2.76 7.58
CA GLY A 294 -3.32 -3.65 8.44
C GLY A 294 -4.69 -3.05 8.74
N ASP A 295 -5.07 -2.98 10.02
CA ASP A 295 -6.42 -2.54 10.45
C ASP A 295 -6.52 -1.02 10.33
N LEU A 296 -7.04 -0.54 9.19
CA LEU A 296 -7.11 0.90 8.81
C LEU A 296 -8.12 1.62 9.71
N THR A 297 -9.17 0.90 10.13
CA THR A 297 -10.24 1.41 11.02
C THR A 297 -9.60 1.77 12.36
N LEU A 298 -8.85 0.81 12.92
CA LEU A 298 -8.10 0.95 14.19
C LEU A 298 -7.11 2.09 14.09
N MET A 299 -6.28 2.09 13.04
CA MET A 299 -5.20 3.10 12.87
C MET A 299 -5.82 4.50 12.68
N ALA A 300 -6.93 4.64 11.97
CA ALA A 300 -7.50 6.00 11.74
C ALA A 300 -8.07 6.57 13.05
N THR A 301 -8.66 5.71 13.88
CA THR A 301 -9.40 6.06 15.12
C THR A 301 -8.40 6.33 16.24
N HIS A 302 -7.34 5.53 16.42
CA HIS A 302 -6.38 5.67 17.55
C HIS A 302 -4.97 6.05 17.10
N GLY A 303 -4.62 5.99 15.82
CA GLY A 303 -3.28 6.36 15.33
C GLY A 303 -2.53 5.18 14.73
N ILE A 304 -1.68 5.45 13.73
CA ILE A 304 -0.79 4.45 13.08
C ILE A 304 0.27 4.00 14.09
N VAL A 305 0.61 4.90 15.00
CA VAL A 305 1.76 4.79 15.94
C VAL A 305 1.19 5.15 17.31
N ARG A 306 1.58 4.45 18.37
CA ARG A 306 1.04 4.61 19.76
C ARG A 306 1.60 5.86 20.44
N THR A 307 2.89 6.17 20.22
CA THR A 307 3.61 7.38 20.75
C THR A 307 4.33 8.08 19.58
N PRO A 308 4.09 9.38 19.35
CA PRO A 308 4.59 10.09 18.15
C PRO A 308 6.01 9.76 17.66
C1 PEG B . -14.26 16.96 -9.77
O1 PEG B . -14.77 18.28 -9.68
C2 PEG B . -14.75 16.08 -8.65
O2 PEG B . -15.69 15.12 -9.12
C3 PEG B . -16.59 14.69 -8.11
C4 PEG B . -17.84 14.18 -8.74
O4 PEG B . -18.97 14.41 -7.94
C1 PEG C . 10.29 5.12 17.69
O1 PEG C . 11.00 5.48 18.85
C2 PEG C . 9.03 5.90 17.53
O2 PEG C . 8.04 5.11 16.87
C3 PEG C . 6.71 5.33 17.33
C4 PEG C . 5.91 4.03 17.44
O4 PEG C . 6.41 2.95 16.66
C1 PEG D . 14.07 -9.33 16.23
O1 PEG D . 14.80 -8.96 15.10
C2 PEG D . 14.67 -10.50 16.91
O2 PEG D . 14.17 -10.59 18.24
C3 PEG D . 14.61 -11.77 18.89
C4 PEG D . 14.41 -12.96 17.99
O4 PEG D . 14.59 -14.18 18.70
S SO4 E . 17.59 -9.59 20.12
O1 SO4 E . 17.34 -8.50 21.03
O2 SO4 E . 17.28 -10.87 20.74
O3 SO4 E . 16.77 -9.41 18.96
O4 SO4 E . 18.99 -9.54 19.74
S SO4 F . 5.40 -21.99 -15.53
O1 SO4 F . 5.69 -22.23 -14.14
O2 SO4 F . 5.74 -20.64 -15.86
O3 SO4 F . 6.18 -22.89 -16.32
O4 SO4 F . 4.00 -22.19 -15.80
#